data_2C0J
#
_entry.id   2C0J
#
_cell.length_a   52.877
_cell.length_b   70.515
_cell.length_c   88.965
_cell.angle_alpha   90.00
_cell.angle_beta   90.00
_cell.angle_gamma   90.00
#
_symmetry.space_group_name_H-M   'P 21 21 21'
#
loop_
_entity.id
_entity.type
_entity.pdbx_description
1 polymer 'TRAFFICKING PROTEIN PARTICLE COMPLEX SUBUNIT 3'
2 polymer R32611_2
3 non-polymer 'PALMITIC ACID'
4 water water
#
loop_
_entity_poly.entity_id
_entity_poly.type
_entity_poly.pdbx_seq_one_letter_code
_entity_poly.pdbx_strand_id
1 'polypeptide(L)'
;SSELFTLTYGALVTQLCKDYENDEDVNKQLDRMGYNIGVRLIEDFLARSNVGRCHDFRETADVIAKVAFKMYLGITPSIT
NWSPAGDEFSLILENNPLVDFVELPDNHSALIYSNLLCGVLRGALEMVQMAVEAKFVQDTLKGDGVTEIRMRFIRRIEDN
L
;
A
2 'polypeptide(L)'
;GMADTVLFEFLHTEMVAELWAHDPDPGPGGQKMSLSVLEGMGFRVGQALGERLPRETLAFREELDVLKFLCKDLWVAVFQ
KQMDSLRTNHQGTYVLQDNSFPLLLPMASGLQYLEEAPKFLAFTCGLLRGALYTLGIESVVTASVAALPVCKFQVVIPKS
;
B
#
loop_
_chem_comp.id
_chem_comp.type
_chem_comp.name
_chem_comp.formula
PLM non-polymer 'PALMITIC ACID' 'C16 H32 O2'
#
# COMPACT_ATOMS: atom_id res chain seq x y z
N SER A 1 -3.61 -6.26 12.76
CA SER A 1 -4.48 -5.51 11.81
C SER A 1 -3.69 -5.10 10.58
N SER A 2 -2.97 -6.05 9.99
CA SER A 2 -2.15 -5.77 8.81
C SER A 2 -2.90 -5.81 7.48
N GLU A 3 -4.16 -5.39 7.51
CA GLU A 3 -4.98 -5.33 6.29
C GLU A 3 -4.88 -3.93 5.69
N LEU A 4 -3.86 -3.21 6.16
CA LEU A 4 -3.57 -1.84 5.73
C LEU A 4 -3.22 -1.73 4.25
N PHE A 5 -2.40 -2.64 3.75
CA PHE A 5 -2.03 -2.63 2.34
C PHE A 5 -3.24 -2.86 1.43
N THR A 6 -4.03 -3.87 1.75
CA THR A 6 -5.25 -4.19 0.98
C THR A 6 -6.22 -3.03 0.93
N LEU A 7 -6.53 -2.48 2.10
CA LEU A 7 -7.45 -1.33 2.18
C LEU A 7 -6.92 -0.13 1.41
N THR A 8 -5.63 0.12 1.55
CA THR A 8 -5.00 1.25 0.87
C THR A 8 -4.97 1.07 -0.64
N TYR A 9 -4.66 -0.15 -1.08
CA TYR A 9 -4.65 -0.39 -2.52
C TYR A 9 -6.05 -0.26 -3.09
N GLY A 10 -7.02 -0.72 -2.31
CA GLY A 10 -8.41 -0.63 -2.71
C GLY A 10 -8.79 0.81 -2.95
N ALA A 11 -8.45 1.69 -2.03
CA ALA A 11 -8.77 3.14 -2.18
C ALA A 11 -8.09 3.75 -3.39
N LEU A 12 -6.87 3.31 -3.66
CA LEU A 12 -6.14 3.82 -4.84
C LEU A 12 -6.86 3.50 -6.15
N VAL A 13 -7.27 2.25 -6.30
CA VAL A 13 -8.00 1.84 -7.51
C VAL A 13 -9.30 2.62 -7.67
N THR A 14 -10.02 2.76 -6.57
CA THR A 14 -11.27 3.51 -6.56
C THR A 14 -11.05 4.96 -6.99
N GLN A 15 -9.98 5.56 -6.46
CA GLN A 15 -9.63 6.95 -6.78
C GLN A 15 -9.14 7.13 -8.22
N LEU A 16 -8.35 6.19 -8.71
CA LEU A 16 -7.86 6.27 -10.10
C LEU A 16 -9.00 6.12 -11.09
N CYS A 17 -9.99 5.29 -10.72
CA CYS A 17 -11.16 5.08 -11.59
C CYS A 17 -12.03 6.31 -11.71
N LYS A 18 -12.00 7.15 -10.69
CA LYS A 18 -12.75 8.40 -10.72
C LYS A 18 -11.99 9.45 -11.51
N ASP A 19 -10.67 9.40 -11.39
CA ASP A 19 -9.77 10.35 -12.08
C ASP A 19 -9.57 10.06 -13.56
N TYR A 20 -9.86 8.83 -13.97
CA TYR A 20 -9.75 8.43 -15.39
C TYR A 20 -11.01 7.76 -15.88
N GLU A 21 -11.64 8.31 -16.91
CA GLU A 21 -12.87 7.72 -17.45
C GLU A 21 -12.63 6.33 -18.03
N ASN A 22 -11.47 6.17 -18.64
CA ASN A 22 -11.08 4.90 -19.27
C ASN A 22 -10.27 3.97 -18.38
N ASP A 23 -10.69 2.71 -18.30
CA ASP A 23 -9.98 1.71 -17.47
C ASP A 23 -8.56 1.41 -17.95
N GLU A 24 -8.35 1.45 -19.27
CA GLU A 24 -6.99 1.22 -19.81
C GLU A 24 -5.99 2.20 -19.23
N ASP A 25 -6.45 3.40 -18.93
CA ASP A 25 -5.59 4.42 -18.33
C ASP A 25 -5.24 4.08 -16.89
N VAL A 26 -6.16 3.40 -16.20
CA VAL A 26 -5.91 2.96 -14.82
C VAL A 26 -4.87 1.85 -14.82
N ASN A 27 -5.06 0.88 -15.71
CA ASN A 27 -4.11 -0.24 -15.84
C ASN A 27 -2.71 0.25 -16.13
N LYS A 28 -2.64 1.28 -16.96
CA LYS A 28 -1.36 1.89 -17.31
C LYS A 28 -0.71 2.55 -16.10
N GLN A 29 -1.53 3.25 -15.33
CA GLN A 29 -1.04 3.93 -14.10
C GLN A 29 -0.67 2.94 -13.01
N LEU A 30 -1.48 1.90 -12.86
CA LEU A 30 -1.21 0.86 -11.88
C LEU A 30 0.09 0.13 -12.20
N ASP A 31 0.37 -0.02 -13.49
CA ASP A 31 1.60 -0.70 -13.91
C ASP A 31 2.84 0.15 -13.69
N ARG A 32 2.75 1.44 -14.01
CA ARG A 32 3.89 2.32 -13.78
C ARG A 32 4.19 2.45 -12.28
N MET A 33 3.14 2.62 -11.48
CA MET A 33 3.31 2.70 -10.02
C MET A 33 3.93 1.44 -9.48
N GLY A 34 3.49 0.30 -10.02
CA GLY A 34 4.00 -0.98 -9.60
C GLY A 34 5.46 -1.11 -9.98
N TYR A 35 5.80 -0.64 -11.16
CA TYR A 35 7.19 -0.67 -11.62
C TYR A 35 8.09 0.05 -10.64
N ASN A 36 7.69 1.27 -10.31
CA ASN A 36 8.44 2.10 -9.34
C ASN A 36 8.59 1.43 -7.98
N ILE A 37 7.53 0.75 -7.54
CA ILE A 37 7.62 0.03 -6.27
C ILE A 37 8.54 -1.18 -6.43
N GLY A 38 8.47 -1.82 -7.60
CA GLY A 38 9.28 -2.98 -7.89
C GLY A 38 10.78 -2.71 -7.83
N VAL A 39 11.20 -1.57 -8.36
CA VAL A 39 12.64 -1.20 -8.32
C VAL A 39 13.15 -1.08 -6.87
N ARG A 40 12.29 -0.56 -5.99
CA ARG A 40 12.65 -0.42 -4.57
C ARG A 40 12.55 -1.72 -3.80
N LEU A 41 11.50 -2.49 -4.09
CA LEU A 41 11.28 -3.78 -3.43
C LEU A 41 12.42 -4.77 -3.62
N ILE A 42 13.01 -4.79 -4.81
CA ILE A 42 14.11 -5.72 -5.09
C ILE A 42 15.30 -5.51 -4.14
N GLU A 43 15.66 -4.25 -3.89
CA GLU A 43 16.74 -3.95 -2.94
C GLU A 43 16.42 -4.53 -1.58
N ASP A 44 15.24 -4.17 -1.08
CA ASP A 44 14.74 -4.64 0.22
C ASP A 44 14.75 -6.16 0.33
N PHE A 45 14.39 -6.82 -0.77
CA PHE A 45 14.37 -8.28 -0.79
C PHE A 45 15.75 -8.93 -0.68
N LEU A 46 16.67 -8.50 -1.53
CA LEU A 46 18.02 -9.06 -1.52
C LEU A 46 18.71 -8.85 -0.19
N ALA A 47 18.42 -7.71 0.44
CA ALA A 47 18.99 -7.36 1.75
C ALA A 47 18.46 -8.24 2.88
N ARG A 48 17.22 -8.70 2.73
CA ARG A 48 16.57 -9.54 3.76
C ARG A 48 16.69 -11.04 3.55
N SER A 49 17.17 -11.47 2.38
CA SER A 49 17.25 -12.91 2.09
C SER A 49 18.61 -13.45 1.64
N ASN A 50 19.37 -12.66 0.89
CA ASN A 50 20.68 -13.10 0.40
C ASN A 50 20.63 -14.42 -0.37
N VAL A 51 19.67 -14.49 -1.29
CA VAL A 51 19.47 -15.68 -2.12
C VAL A 51 20.48 -15.81 -3.24
N GLY A 52 21.06 -14.68 -3.64
CA GLY A 52 22.05 -14.69 -4.69
C GLY A 52 21.44 -14.45 -6.07
N ARG A 53 22.31 -14.40 -7.08
CA ARG A 53 21.87 -14.19 -8.45
C ARG A 53 21.41 -15.46 -9.14
N CYS A 54 20.22 -15.41 -9.75
CA CYS A 54 19.77 -16.60 -10.46
C CYS A 54 20.52 -16.73 -11.78
N HIS A 55 20.36 -17.84 -12.47
CA HIS A 55 21.08 -18.05 -13.74
C HIS A 55 20.16 -18.47 -14.85
N ASP A 56 19.12 -19.17 -14.45
CA ASP A 56 18.05 -19.67 -15.32
C ASP A 56 16.74 -19.00 -14.97
N PHE A 57 15.76 -19.07 -15.87
CA PHE A 57 14.45 -18.49 -15.56
C PHE A 57 13.75 -19.39 -14.55
N ARG A 58 14.17 -20.66 -14.54
CA ARG A 58 13.59 -21.65 -13.61
C ARG A 58 13.95 -21.37 -12.16
N GLU A 59 15.16 -20.86 -11.95
CA GLU A 59 15.61 -20.52 -10.61
C GLU A 59 14.88 -19.27 -10.11
N THR A 60 14.63 -18.35 -11.03
CA THR A 60 13.90 -17.12 -10.69
C THR A 60 12.49 -17.44 -10.21
N ALA A 61 11.86 -18.41 -10.86
CA ALA A 61 10.49 -18.83 -10.50
C ALA A 61 10.39 -19.34 -9.08
N ASP A 62 11.35 -20.16 -8.66
CA ASP A 62 11.33 -20.69 -7.30
C ASP A 62 11.55 -19.62 -6.25
N VAL A 63 12.40 -18.65 -6.56
CA VAL A 63 12.66 -17.56 -5.63
C VAL A 63 11.44 -16.64 -5.50
N ILE A 64 10.87 -16.29 -6.64
CA ILE A 64 9.68 -15.43 -6.66
C ILE A 64 8.49 -16.06 -5.93
N ALA A 65 8.22 -17.32 -6.26
CA ALA A 65 7.10 -18.07 -5.68
C ALA A 65 7.28 -18.60 -4.26
N LYS A 66 8.45 -19.13 -3.95
CA LYS A 66 8.68 -19.69 -2.60
C LYS A 66 9.28 -18.74 -1.58
N VAL A 67 9.91 -17.67 -2.04
CA VAL A 67 10.54 -16.71 -1.11
C VAL A 67 9.93 -15.30 -1.14
N ALA A 68 9.94 -14.66 -2.31
CA ALA A 68 9.39 -13.30 -2.45
C ALA A 68 7.94 -13.19 -2.02
N PHE A 69 7.06 -13.99 -2.61
CA PHE A 69 5.64 -13.97 -2.26
C PHE A 69 5.38 -14.29 -0.79
N LYS A 70 6.09 -15.28 -0.28
CA LYS A 70 5.94 -15.66 1.14
C LYS A 70 6.35 -14.51 2.07
N MET A 71 7.41 -13.82 1.69
CA MET A 71 7.90 -12.69 2.49
C MET A 71 7.01 -11.45 2.48
N TYR A 72 6.45 -11.11 1.32
CA TYR A 72 5.60 -9.91 1.21
C TYR A 72 4.09 -10.11 1.30
N LEU A 73 3.59 -11.27 0.92
CA LEU A 73 2.14 -11.51 1.01
C LEU A 73 1.75 -12.70 1.86
N GLY A 74 2.74 -13.39 2.42
CA GLY A 74 2.47 -14.54 3.28
C GLY A 74 1.84 -15.72 2.54
N ILE A 75 2.02 -15.75 1.23
CA ILE A 75 1.48 -16.84 0.40
C ILE A 75 2.51 -17.49 -0.50
N THR A 76 2.19 -18.70 -0.97
CA THR A 76 3.08 -19.43 -1.86
C THR A 76 2.37 -19.89 -3.13
N PRO A 77 2.46 -19.10 -4.21
CA PRO A 77 1.81 -19.43 -5.47
C PRO A 77 2.47 -20.67 -6.08
N SER A 78 1.68 -21.47 -6.80
CA SER A 78 2.23 -22.66 -7.46
C SER A 78 2.81 -22.34 -8.83
N ILE A 79 3.83 -23.11 -9.22
CA ILE A 79 4.49 -22.93 -10.53
C ILE A 79 4.10 -24.01 -11.52
N THR A 80 3.48 -23.59 -12.60
CA THR A 80 3.03 -24.54 -13.63
C THR A 80 3.13 -24.00 -15.04
N ASN A 81 2.76 -24.84 -15.99
CA ASN A 81 2.76 -24.51 -17.42
C ASN A 81 4.07 -24.01 -17.99
N TRP A 82 5.15 -24.71 -17.67
CA TRP A 82 6.46 -24.33 -18.20
C TRP A 82 6.55 -24.52 -19.71
N SER A 83 7.19 -23.60 -20.40
CA SER A 83 7.36 -23.76 -21.85
C SER A 83 8.51 -24.73 -22.10
N PRO A 84 8.43 -25.53 -23.18
CA PRO A 84 9.53 -26.46 -23.42
C PRO A 84 10.90 -25.78 -23.35
N ALA A 85 10.97 -24.53 -23.80
CA ALA A 85 12.24 -23.77 -23.77
C ALA A 85 12.61 -23.26 -22.38
N GLY A 86 11.63 -23.19 -21.49
CA GLY A 86 11.88 -22.73 -20.14
C GLY A 86 11.94 -21.22 -20.00
N ASP A 87 11.44 -20.50 -20.99
CA ASP A 87 11.44 -19.02 -20.94
C ASP A 87 10.09 -18.42 -20.56
N GLU A 88 9.19 -19.28 -20.11
CA GLU A 88 7.84 -18.88 -19.69
C GLU A 88 7.21 -19.86 -18.70
N PHE A 89 6.58 -19.32 -17.66
CA PHE A 89 5.89 -20.13 -16.64
C PHE A 89 4.73 -19.38 -16.03
N SER A 90 3.90 -20.07 -15.27
CA SER A 90 2.76 -19.42 -14.64
C SER A 90 2.70 -19.54 -13.13
N LEU A 91 2.29 -18.46 -12.50
CA LEU A 91 2.09 -18.43 -11.04
C LEU A 91 0.61 -18.61 -10.75
N ILE A 92 0.27 -19.70 -10.07
CA ILE A 92 -1.14 -19.96 -9.75
C ILE A 92 -1.54 -19.64 -8.31
N LEU A 93 -2.53 -18.76 -8.18
CA LEU A 93 -3.05 -18.36 -6.86
C LEU A 93 -4.51 -18.77 -6.63
N GLU A 94 -4.88 -19.03 -5.37
CA GLU A 94 -6.27 -19.43 -5.05
C GLU A 94 -7.29 -18.33 -5.31
N ASN A 95 -6.80 -17.10 -5.27
CA ASN A 95 -7.64 -15.92 -5.50
C ASN A 95 -6.82 -14.69 -5.82
N ASN A 96 -7.46 -13.55 -5.99
CA ASN A 96 -6.71 -12.34 -6.28
C ASN A 96 -5.91 -11.90 -5.05
N PRO A 97 -4.57 -11.83 -5.18
CA PRO A 97 -3.70 -11.43 -4.06
C PRO A 97 -3.93 -10.04 -3.45
N LEU A 98 -4.28 -9.08 -4.29
CA LEU A 98 -4.48 -7.69 -3.84
C LEU A 98 -5.91 -7.23 -3.53
N VAL A 99 -6.90 -7.92 -4.08
CA VAL A 99 -8.31 -7.53 -3.87
C VAL A 99 -9.21 -8.69 -3.50
N ASP A 100 -10.09 -8.46 -2.52
CA ASP A 100 -11.02 -9.50 -2.04
C ASP A 100 -12.40 -9.41 -2.65
N PHE A 101 -12.92 -8.18 -2.77
CA PHE A 101 -14.26 -7.94 -3.33
C PHE A 101 -14.30 -6.77 -4.30
N VAL A 102 -15.16 -6.87 -5.31
CA VAL A 102 -15.34 -5.78 -6.27
C VAL A 102 -16.79 -5.27 -6.27
N GLU A 103 -16.95 -3.97 -6.48
CA GLU A 103 -18.27 -3.35 -6.49
C GLU A 103 -19.16 -3.82 -7.64
N LEU A 104 -20.42 -4.05 -7.34
CA LEU A 104 -21.39 -4.51 -8.35
C LEU A 104 -22.54 -3.51 -8.48
N PRO A 105 -23.09 -3.31 -9.71
CA PRO A 105 -22.76 -3.91 -11.00
C PRO A 105 -21.34 -3.64 -11.49
N ASP A 106 -20.89 -4.45 -12.44
CA ASP A 106 -19.53 -4.33 -13.00
C ASP A 106 -19.37 -3.21 -14.02
N ASN A 107 -18.75 -2.12 -13.60
CA ASN A 107 -18.49 -0.97 -14.48
C ASN A 107 -17.06 -0.88 -14.98
N HIS A 108 -16.26 -1.90 -14.66
CA HIS A 108 -14.85 -1.92 -15.05
C HIS A 108 -14.38 -3.27 -15.59
N SER A 109 -15.14 -3.79 -16.55
CA SER A 109 -14.82 -5.09 -17.17
C SER A 109 -13.39 -5.22 -17.68
N ALA A 110 -12.86 -4.15 -18.27
CA ALA A 110 -11.49 -4.17 -18.81
C ALA A 110 -10.42 -3.87 -17.77
N LEU A 111 -10.84 -3.41 -16.59
CA LEU A 111 -9.91 -3.08 -15.51
C LEU A 111 -9.21 -4.28 -14.87
N ILE A 112 -7.89 -4.26 -14.89
CA ILE A 112 -7.09 -5.31 -14.26
C ILE A 112 -6.80 -4.89 -12.81
N TYR A 113 -7.71 -5.27 -11.92
CA TYR A 113 -7.67 -4.89 -10.49
C TYR A 113 -6.31 -4.83 -9.82
N SER A 114 -5.52 -5.90 -9.97
CA SER A 114 -4.18 -5.97 -9.36
C SER A 114 -3.02 -5.75 -10.32
N ASN A 115 -3.25 -4.96 -11.35
CA ASN A 115 -2.19 -4.70 -12.33
C ASN A 115 -0.89 -4.18 -11.73
N LEU A 116 -0.98 -3.69 -10.50
CA LEU A 116 0.21 -3.18 -9.80
C LEU A 116 1.26 -4.27 -9.59
N LEU A 117 0.78 -5.46 -9.26
CA LEU A 117 1.67 -6.61 -9.05
C LEU A 117 2.51 -6.91 -10.27
N CYS A 118 1.87 -6.87 -11.43
CA CYS A 118 2.60 -7.13 -12.69
C CYS A 118 3.71 -6.13 -12.90
N GLY A 119 3.46 -4.89 -12.52
CA GLY A 119 4.46 -3.84 -12.64
C GLY A 119 5.55 -4.12 -11.62
N VAL A 120 5.15 -4.54 -10.43
CA VAL A 120 6.14 -4.85 -9.40
C VAL A 120 7.08 -5.95 -9.83
N LEU A 121 6.51 -6.99 -10.42
CA LEU A 121 7.29 -8.13 -10.92
C LEU A 121 8.27 -7.71 -12.02
N ARG A 122 7.78 -6.91 -12.96
CA ARG A 122 8.64 -6.42 -14.05
C ARG A 122 9.75 -5.49 -13.59
N GLY A 123 9.41 -4.59 -12.67
CA GLY A 123 10.39 -3.64 -12.14
C GLY A 123 11.47 -4.33 -11.33
N ALA A 124 11.07 -5.22 -10.42
CA ALA A 124 12.04 -5.95 -9.61
C ALA A 124 13.02 -6.78 -10.45
N LEU A 125 12.50 -7.49 -11.43
CA LEU A 125 13.33 -8.32 -12.31
C LEU A 125 14.22 -7.50 -13.24
N GLU A 126 13.75 -6.32 -13.63
CA GLU A 126 14.58 -5.46 -14.50
C GLU A 126 15.85 -5.05 -13.77
N MET A 127 15.74 -4.94 -12.44
CA MET A 127 16.88 -4.57 -11.60
C MET A 127 17.94 -5.65 -11.52
N VAL A 128 17.56 -6.85 -11.93
CA VAL A 128 18.49 -7.99 -11.97
C VAL A 128 18.77 -8.44 -13.40
N GLN A 129 18.75 -7.48 -14.32
CA GLN A 129 19.05 -7.72 -15.75
C GLN A 129 18.11 -8.67 -16.51
N MET A 130 16.86 -8.74 -16.07
CA MET A 130 15.89 -9.59 -16.75
C MET A 130 14.66 -8.86 -17.23
N ALA A 131 14.55 -8.71 -18.55
CA ALA A 131 13.36 -8.09 -19.13
C ALA A 131 12.28 -9.15 -19.21
N VAL A 132 11.27 -9.03 -18.36
CA VAL A 132 10.21 -10.02 -18.36
C VAL A 132 8.83 -9.42 -18.48
N GLU A 133 7.89 -10.24 -18.90
CA GLU A 133 6.51 -9.81 -19.01
C GLU A 133 5.65 -10.57 -18.02
N ALA A 134 5.03 -9.83 -17.11
CA ALA A 134 4.12 -10.42 -16.12
C ALA A 134 2.70 -10.07 -16.52
N LYS A 135 1.84 -11.07 -16.61
CA LYS A 135 0.49 -10.77 -17.01
C LYS A 135 -0.58 -11.69 -16.46
N PHE A 136 -1.67 -11.09 -15.98
CA PHE A 136 -2.80 -11.88 -15.51
C PHE A 136 -3.52 -12.50 -16.69
N VAL A 137 -3.52 -13.82 -16.77
CA VAL A 137 -4.21 -14.50 -17.87
C VAL A 137 -5.48 -15.18 -17.38
N GLN A 138 -5.58 -15.23 -16.06
CA GLN A 138 -6.72 -15.79 -15.32
C GLN A 138 -6.94 -15.05 -14.02
N ASP A 139 -8.18 -14.71 -13.70
CA ASP A 139 -8.46 -14.02 -12.44
C ASP A 139 -9.79 -14.40 -11.80
N THR A 140 -9.73 -14.86 -10.55
CA THR A 140 -10.94 -15.24 -9.83
C THR A 140 -11.97 -14.11 -9.76
N LEU A 141 -11.50 -12.88 -9.65
CA LEU A 141 -12.41 -11.70 -9.63
C LEU A 141 -13.10 -11.51 -10.97
N LYS A 142 -12.60 -12.20 -11.98
CA LYS A 142 -13.16 -12.15 -13.34
C LYS A 142 -14.06 -13.34 -13.65
N GLY A 143 -14.15 -14.27 -12.71
CA GLY A 143 -14.97 -15.44 -12.91
C GLY A 143 -14.19 -16.72 -13.13
N ASP A 144 -12.87 -16.60 -13.25
CA ASP A 144 -11.99 -17.78 -13.48
C ASP A 144 -11.77 -18.67 -12.25
N GLY A 145 -11.60 -19.97 -12.47
CA GLY A 145 -11.40 -20.90 -11.36
C GLY A 145 -10.19 -20.60 -10.49
N VAL A 146 -9.23 -19.88 -11.05
CA VAL A 146 -8.03 -19.49 -10.31
C VAL A 146 -7.48 -18.19 -10.81
N THR A 147 -6.51 -17.65 -10.09
CA THR A 147 -5.83 -16.45 -10.55
C THR A 147 -4.49 -16.88 -11.10
N GLU A 148 -4.23 -16.53 -12.35
CA GLU A 148 -2.97 -16.96 -12.97
C GLU A 148 -2.14 -15.85 -13.58
N ILE A 149 -0.91 -15.72 -13.11
CA ILE A 149 0.00 -14.71 -13.65
C ILE A 149 1.06 -15.35 -14.52
N ARG A 150 1.04 -15.04 -15.81
CA ARG A 150 2.01 -15.61 -16.70
C ARG A 150 3.29 -14.80 -16.74
N MET A 151 4.42 -15.47 -16.55
CA MET A 151 5.74 -14.83 -16.57
C MET A 151 6.53 -15.22 -17.82
N ARG A 152 6.90 -14.23 -18.63
CA ARG A 152 7.63 -14.53 -19.85
C ARG A 152 8.96 -13.80 -19.97
N PHE A 153 10.03 -14.58 -20.09
CA PHE A 153 11.37 -14.03 -20.26
C PHE A 153 11.56 -13.45 -21.66
N ILE A 154 11.70 -12.13 -21.75
CA ILE A 154 11.88 -11.49 -23.06
C ILE A 154 13.32 -11.46 -23.52
N ARG A 155 14.19 -10.88 -22.71
CA ARG A 155 15.60 -10.78 -23.06
C ARG A 155 16.48 -10.39 -21.88
N ARG A 156 17.78 -10.63 -22.03
CA ARG A 156 18.71 -10.25 -20.97
C ARG A 156 19.12 -8.80 -21.14
N ILE A 157 18.86 -7.99 -20.12
CA ILE A 157 19.21 -6.57 -20.17
C ILE A 157 20.69 -6.32 -20.01
N GLU A 158 21.28 -5.58 -20.94
CA GLU A 158 22.72 -5.25 -20.91
C GLU A 158 23.11 -4.55 -19.62
N ASP A 159 24.35 -4.73 -19.15
CA ASP A 159 24.77 -4.03 -17.92
C ASP A 159 24.69 -2.51 -18.10
N ASN A 160 24.52 -1.78 -17.00
CA ASN A 160 24.44 -0.32 -17.08
C ASN A 160 25.55 0.33 -17.88
N LEU A 161 26.80 0.01 -17.53
CA LEU A 161 27.98 0.58 -18.21
C LEU A 161 28.41 1.95 -17.68
N ALA B 3 -0.21 -8.46 4.52
CA ALA B 3 0.94 -8.02 3.68
C ALA B 3 2.08 -7.57 4.57
N ASP B 4 3.31 -7.58 4.04
CA ASP B 4 4.48 -7.15 4.81
C ASP B 4 4.49 -5.65 5.07
N THR B 5 4.96 -5.25 6.25
CA THR B 5 5.00 -3.83 6.65
C THR B 5 5.55 -2.86 5.59
N VAL B 6 6.68 -3.20 4.99
CA VAL B 6 7.29 -2.33 3.98
C VAL B 6 6.41 -2.02 2.78
N LEU B 7 5.55 -2.97 2.42
CA LEU B 7 4.65 -2.79 1.26
C LEU B 7 3.79 -1.52 1.35
N PHE B 8 3.21 -1.28 2.52
CA PHE B 8 2.39 -0.08 2.72
C PHE B 8 3.18 1.19 2.42
N GLU B 9 4.37 1.29 2.98
CA GLU B 9 5.25 2.46 2.75
C GLU B 9 5.59 2.64 1.27
N PHE B 10 5.87 1.53 0.61
CA PHE B 10 6.18 1.59 -0.82
C PHE B 10 5.00 2.12 -1.60
N LEU B 11 3.83 1.58 -1.31
CA LEU B 11 2.61 2.01 -1.96
C LEU B 11 2.29 3.47 -1.67
N HIS B 12 2.41 3.85 -0.40
CA HIS B 12 2.14 5.23 0.02
C HIS B 12 3.06 6.22 -0.64
N THR B 13 4.33 5.85 -0.76
CA THR B 13 5.28 6.73 -1.42
C THR B 13 4.91 6.96 -2.87
N GLU B 14 4.52 5.89 -3.56
CA GLU B 14 4.09 6.05 -4.96
C GLU B 14 2.81 6.84 -5.10
N MET B 15 1.88 6.64 -4.16
CA MET B 15 0.62 7.40 -4.19
C MET B 15 0.81 8.90 -4.06
N VAL B 16 1.71 9.32 -3.16
CA VAL B 16 1.94 10.75 -3.02
C VAL B 16 2.55 11.33 -4.30
N ALA B 17 3.49 10.59 -4.90
CA ALA B 17 4.13 11.03 -6.15
C ALA B 17 3.13 11.14 -7.29
N GLU B 18 2.35 10.08 -7.50
CA GLU B 18 1.35 10.06 -8.57
C GLU B 18 0.14 10.95 -8.31
N LEU B 19 -0.48 10.80 -7.14
CA LEU B 19 -1.65 11.63 -6.78
C LEU B 19 -1.24 13.01 -6.29
N TRP B 20 -0.03 13.42 -6.67
CA TRP B 20 0.56 14.72 -6.29
C TRP B 20 -0.42 15.87 -6.12
N LYS B 32 -3.50 21.72 -3.43
CA LYS B 32 -4.29 21.44 -2.22
C LYS B 32 -5.51 20.55 -2.45
N MET B 33 -5.88 20.36 -3.71
CA MET B 33 -6.99 19.45 -4.05
C MET B 33 -6.43 18.04 -4.06
N SER B 34 -5.11 17.98 -4.27
CA SER B 34 -4.36 16.72 -4.27
C SER B 34 -4.25 16.19 -2.84
N LEU B 35 -3.96 17.11 -1.92
CA LEU B 35 -3.88 16.77 -0.50
C LEU B 35 -5.25 16.34 -0.02
N SER B 36 -6.27 17.03 -0.54
CA SER B 36 -7.65 16.69 -0.22
C SER B 36 -7.96 15.26 -0.64
N VAL B 37 -7.44 14.86 -1.79
CA VAL B 37 -7.62 13.50 -2.31
C VAL B 37 -6.91 12.47 -1.45
N LEU B 38 -5.65 12.74 -1.14
CA LEU B 38 -4.88 11.84 -0.26
C LEU B 38 -5.56 11.69 1.10
N GLU B 39 -5.98 12.82 1.66
CA GLU B 39 -6.69 12.84 2.94
C GLU B 39 -8.00 12.08 2.86
N GLY B 40 -8.70 12.26 1.74
CA GLY B 40 -9.97 11.58 1.51
C GLY B 40 -9.79 10.08 1.48
N MET B 41 -8.73 9.61 0.82
CA MET B 41 -8.46 8.17 0.75
C MET B 41 -8.12 7.62 2.14
N GLY B 42 -7.27 8.34 2.86
CA GLY B 42 -6.91 7.94 4.20
C GLY B 42 -8.14 7.86 5.08
N PHE B 43 -9.11 8.71 4.80
CA PHE B 43 -10.37 8.72 5.57
C PHE B 43 -11.17 7.43 5.45
N ARG B 44 -11.27 6.90 4.23
CA ARG B 44 -12.01 5.63 4.04
C ARG B 44 -11.28 4.45 4.67
N VAL B 45 -9.96 4.47 4.57
CA VAL B 45 -9.13 3.42 5.18
C VAL B 45 -9.19 3.49 6.70
N GLY B 46 -9.17 4.72 7.22
CA GLY B 46 -9.25 4.91 8.66
C GLY B 46 -10.56 4.37 9.18
N GLN B 47 -11.64 4.60 8.43
CA GLN B 47 -12.95 4.09 8.81
C GLN B 47 -12.96 2.58 8.96
N ALA B 48 -12.46 1.90 7.93
CA ALA B 48 -12.40 0.43 7.94
C ALA B 48 -11.52 -0.10 9.06
N LEU B 49 -10.37 0.54 9.27
CA LEU B 49 -9.44 0.12 10.34
C LEU B 49 -10.03 0.28 11.73
N GLY B 50 -10.64 1.42 12.01
CA GLY B 50 -11.24 1.64 13.32
C GLY B 50 -12.24 0.55 13.59
N GLU B 51 -12.98 0.22 12.53
CA GLU B 51 -14.00 -0.82 12.56
C GLU B 51 -13.48 -2.16 13.09
N ARG B 52 -12.21 -2.46 12.81
CA ARG B 52 -11.58 -3.71 13.24
C ARG B 52 -10.84 -3.65 14.57
N LEU B 53 -10.77 -2.45 15.15
CA LEU B 53 -10.12 -2.29 16.46
C LEU B 53 -11.14 -2.49 17.58
N PRO B 54 -10.69 -2.72 18.83
CA PRO B 54 -11.68 -2.92 19.91
C PRO B 54 -12.56 -1.71 20.29
N ARG B 55 -13.32 -1.21 19.31
CA ARG B 55 -14.25 -0.07 19.47
C ARG B 55 -15.15 -0.12 20.68
N GLU B 56 -15.68 -1.30 20.97
CA GLU B 56 -16.61 -1.50 22.11
C GLU B 56 -16.10 -0.96 23.43
N THR B 57 -14.82 -1.20 23.71
CA THR B 57 -14.20 -0.76 24.96
C THR B 57 -14.33 0.73 25.23
N LEU B 58 -14.61 1.52 24.19
CA LEU B 58 -14.74 2.98 24.37
C LEU B 58 -16.12 3.44 24.78
N ALA B 59 -17.05 2.51 24.91
CA ALA B 59 -18.40 2.84 25.37
C ALA B 59 -18.36 3.49 26.75
N PHE B 60 -19.09 4.59 26.92
CA PHE B 60 -19.12 5.29 28.23
C PHE B 60 -17.82 5.99 28.61
N ARG B 61 -16.94 6.18 27.64
CA ARG B 61 -15.65 6.85 27.90
C ARG B 61 -15.60 8.30 27.49
N GLU B 62 -14.79 9.09 28.18
CA GLU B 62 -14.65 10.50 27.82
C GLU B 62 -13.73 10.69 26.62
N GLU B 63 -13.96 11.76 25.86
CA GLU B 63 -13.17 12.08 24.67
C GLU B 63 -11.68 11.77 24.81
N LEU B 64 -11.10 12.11 25.95
CA LEU B 64 -9.66 11.87 26.21
C LEU B 64 -9.20 10.44 25.95
N ASP B 65 -9.99 9.46 26.39
CA ASP B 65 -9.65 8.04 26.17
C ASP B 65 -9.69 7.64 24.71
N VAL B 66 -10.57 8.28 23.96
CA VAL B 66 -10.66 8.01 22.54
C VAL B 66 -9.38 8.40 21.84
N LEU B 67 -8.86 9.56 22.21
CA LEU B 67 -7.62 10.02 21.62
C LEU B 67 -6.42 9.19 22.03
N LYS B 68 -6.46 8.62 23.23
CA LYS B 68 -5.39 7.71 23.69
C LYS B 68 -5.46 6.43 22.89
N PHE B 69 -6.69 6.06 22.56
CA PHE B 69 -6.99 4.87 21.75
C PHE B 69 -6.29 4.97 20.41
N LEU B 70 -6.39 6.15 19.81
CA LEU B 70 -5.75 6.44 18.52
C LEU B 70 -4.23 6.43 18.63
N CYS B 71 -3.73 7.02 19.72
CA CYS B 71 -2.28 7.07 19.97
C CYS B 71 -1.65 5.72 20.21
N LYS B 72 -2.43 4.81 20.78
CA LYS B 72 -1.94 3.46 21.07
C LYS B 72 -2.50 2.37 20.15
N ASP B 73 -3.77 2.03 20.34
CA ASP B 73 -4.42 0.98 19.52
C ASP B 73 -4.30 1.17 18.00
N LEU B 74 -4.61 2.36 17.51
CA LEU B 74 -4.53 2.62 16.06
C LEU B 74 -3.12 2.79 15.53
N TRP B 75 -2.29 3.55 16.23
CA TRP B 75 -0.91 3.76 15.78
C TRP B 75 -0.09 2.47 15.77
N VAL B 76 -0.31 1.62 16.75
CA VAL B 76 0.42 0.34 16.76
C VAL B 76 0.01 -0.51 15.57
N ALA B 77 -1.30 -0.69 15.41
CA ALA B 77 -1.85 -1.44 14.28
C ALA B 77 -1.34 -0.93 12.92
N VAL B 78 -1.27 0.39 12.77
CA VAL B 78 -0.82 1.00 11.50
C VAL B 78 0.69 1.18 11.35
N PHE B 79 1.37 1.59 12.41
CA PHE B 79 2.80 1.82 12.32
C PHE B 79 3.67 0.98 13.26
N GLN B 80 3.06 -0.02 13.90
CA GLN B 80 3.78 -0.92 14.84
C GLN B 80 4.52 -0.18 15.96
N LYS B 81 3.94 0.94 16.39
CA LYS B 81 4.48 1.76 17.49
C LYS B 81 3.44 2.72 18.03
N GLN B 82 3.58 3.12 19.28
CA GLN B 82 2.63 4.08 19.83
C GLN B 82 3.09 5.52 19.62
N MET B 83 2.17 6.47 19.75
CA MET B 83 2.53 7.89 19.61
C MET B 83 3.59 8.25 20.65
N ASP B 84 4.51 9.14 20.32
CA ASP B 84 5.53 9.52 21.32
C ASP B 84 5.04 10.48 22.39
N SER B 85 4.00 11.23 22.06
CA SER B 85 3.44 12.16 23.03
C SER B 85 2.10 12.70 22.61
N LEU B 86 1.27 12.99 23.60
CA LEU B 86 -0.06 13.54 23.37
C LEU B 86 -0.30 14.75 24.26
N ARG B 87 -0.66 15.88 23.65
CA ARG B 87 -0.95 17.11 24.38
C ARG B 87 -2.36 17.60 24.09
N THR B 88 -2.91 18.39 24.99
CA THR B 88 -4.26 18.92 24.83
C THR B 88 -4.47 20.27 25.51
N ASN B 89 -5.45 21.01 25.01
CA ASN B 89 -5.78 22.29 25.62
C ASN B 89 -7.09 22.15 26.37
N HIS B 90 -7.51 20.90 26.49
CA HIS B 90 -8.78 20.52 27.16
C HIS B 90 -10.00 21.26 26.64
N GLN B 91 -9.85 21.88 25.48
CA GLN B 91 -10.95 22.60 24.80
C GLN B 91 -11.26 21.99 23.44
N GLY B 92 -11.06 20.67 23.31
CA GLY B 92 -11.34 20.01 22.06
C GLY B 92 -10.18 19.81 21.09
N THR B 93 -9.07 20.49 21.34
CA THR B 93 -7.89 20.38 20.46
C THR B 93 -6.76 19.52 21.02
N TYR B 94 -6.23 18.64 20.18
CA TYR B 94 -5.14 17.76 20.58
C TYR B 94 -3.99 17.72 19.60
N VAL B 95 -2.79 17.50 20.10
CA VAL B 95 -1.59 17.41 19.26
C VAL B 95 -0.87 16.07 19.46
N LEU B 96 -0.84 15.23 18.44
CA LEU B 96 -0.17 13.93 18.53
C LEU B 96 1.21 13.98 17.90
N GLN B 97 2.23 13.57 18.64
CA GLN B 97 3.58 13.63 18.11
C GLN B 97 4.31 12.31 17.94
N ASP B 98 4.73 12.07 16.71
CA ASP B 98 5.54 10.90 16.35
C ASP B 98 6.96 11.41 16.12
N ASN B 99 7.90 11.06 16.99
CA ASN B 99 9.27 11.57 16.84
C ASN B 99 10.04 11.06 15.64
N SER B 100 9.53 10.00 15.04
CA SER B 100 10.15 9.43 13.83
C SER B 100 9.09 8.82 12.92
N PHE B 101 8.28 9.66 12.31
CA PHE B 101 7.22 9.17 11.43
C PHE B 101 7.73 8.30 10.27
N PRO B 102 7.24 7.05 10.18
CA PRO B 102 7.58 6.03 9.18
C PRO B 102 7.43 6.40 7.70
N LEU B 103 6.34 7.08 7.36
CA LEU B 103 6.10 7.45 5.96
C LEU B 103 7.02 8.55 5.43
N LEU B 104 7.89 9.06 6.28
CA LEU B 104 8.84 10.12 5.87
C LEU B 104 10.19 9.56 5.45
N LEU B 105 10.22 8.29 5.09
CA LEU B 105 11.48 7.60 4.67
C LEU B 105 12.75 8.38 4.96
N GLY B 110 17.21 16.30 4.70
CA GLY B 110 17.71 17.60 4.32
C GLY B 110 16.64 18.67 4.35
N LEU B 111 17.03 19.90 4.68
CA LEU B 111 16.08 21.03 4.75
C LEU B 111 15.29 21.27 3.46
N GLN B 112 15.79 20.70 2.35
CA GLN B 112 15.12 20.87 1.05
C GLN B 112 13.76 20.18 0.98
N TYR B 113 13.56 19.21 1.87
CA TYR B 113 12.31 18.45 1.90
C TYR B 113 11.28 18.92 2.93
N LEU B 114 11.61 19.96 3.70
CA LEU B 114 10.67 20.46 4.70
C LEU B 114 9.34 20.87 4.09
N GLU B 115 9.40 21.44 2.90
CA GLU B 115 8.17 21.88 2.22
C GLU B 115 7.41 20.75 1.56
N GLU B 116 8.12 19.66 1.26
CA GLU B 116 7.50 18.46 0.65
C GLU B 116 6.83 17.52 1.65
N ALA B 117 7.30 17.56 2.89
CA ALA B 117 6.78 16.71 3.99
C ALA B 117 5.25 16.70 4.16
N PRO B 118 4.60 17.86 3.96
CA PRO B 118 3.14 17.93 4.10
C PRO B 118 2.38 16.92 3.25
N LYS B 119 2.92 16.66 2.06
CA LYS B 119 2.31 15.69 1.12
C LYS B 119 2.30 14.27 1.66
N PHE B 120 3.31 13.93 2.44
CA PHE B 120 3.42 12.59 3.03
C PHE B 120 2.63 12.41 4.31
N LEU B 121 1.99 13.48 4.77
CA LEU B 121 1.20 13.43 6.02
C LEU B 121 -0.31 13.48 5.81
N ALA B 122 -0.73 13.89 4.61
CA ALA B 122 -2.17 14.00 4.27
C ALA B 122 -2.97 12.73 4.48
N PHE B 123 -2.50 11.62 3.90
CA PHE B 123 -3.19 10.32 4.05
C PHE B 123 -3.41 9.93 5.51
N THR B 124 -2.39 10.12 6.34
CA THR B 124 -2.50 9.78 7.76
C THR B 124 -3.49 10.68 8.50
N CYS B 125 -3.61 11.93 8.06
CA CYS B 125 -4.61 12.83 8.66
C CYS B 125 -6.00 12.28 8.45
N GLY B 126 -6.21 11.69 7.27
CA GLY B 126 -7.50 11.09 6.93
C GLY B 126 -7.65 9.84 7.77
N LEU B 127 -6.57 9.08 7.88
CA LEU B 127 -6.56 7.86 8.70
C LEU B 127 -7.09 8.15 10.10
N LEU B 128 -6.51 9.19 10.71
CA LEU B 128 -6.95 9.63 12.05
C LEU B 128 -8.39 10.12 12.04
N ARG B 129 -8.71 10.96 11.06
CA ARG B 129 -10.09 11.47 10.95
C ARG B 129 -11.10 10.36 10.69
N GLY B 130 -10.71 9.38 9.88
CA GLY B 130 -11.58 8.26 9.58
C GLY B 130 -11.81 7.40 10.79
N ALA B 131 -10.74 7.15 11.55
CA ALA B 131 -10.87 6.35 12.78
C ALA B 131 -11.81 7.01 13.79
N LEU B 132 -11.68 8.33 13.95
CA LEU B 132 -12.56 9.07 14.87
C LEU B 132 -14.01 8.99 14.44
N TYR B 133 -14.25 9.08 13.14
CA TYR B 133 -15.62 8.96 12.60
C TYR B 133 -16.27 7.66 13.04
N THR B 134 -15.58 6.55 12.81
CA THR B 134 -16.11 5.23 13.20
C THR B 134 -16.47 5.15 14.69
N LEU B 135 -15.77 5.94 15.50
CA LEU B 135 -16.04 5.99 16.94
C LEU B 135 -17.09 7.05 17.29
N GLY B 136 -17.79 7.52 16.26
CA GLY B 136 -18.83 8.52 16.44
C GLY B 136 -18.39 9.96 16.63
N ILE B 137 -17.11 10.23 16.38
CA ILE B 137 -16.57 11.59 16.56
C ILE B 137 -16.26 12.36 15.28
N GLU B 138 -16.69 13.61 15.24
CA GLU B 138 -16.43 14.50 14.09
C GLU B 138 -15.19 15.34 14.36
N SER B 139 -14.32 15.45 13.37
CA SER B 139 -13.08 16.21 13.59
C SER B 139 -12.36 16.66 12.34
N VAL B 140 -11.45 17.60 12.55
CA VAL B 140 -10.60 18.11 11.48
C VAL B 140 -9.15 17.87 11.83
N VAL B 141 -8.45 17.13 11.00
CA VAL B 141 -7.04 16.81 11.27
C VAL B 141 -6.04 17.38 10.29
N THR B 142 -5.05 18.11 10.80
CA THR B 142 -3.97 18.66 9.97
C THR B 142 -2.63 18.23 10.53
N ALA B 143 -1.56 18.43 9.78
CA ALA B 143 -0.25 18.04 10.27
C ALA B 143 0.86 18.99 9.87
N SER B 144 1.87 19.04 10.71
CA SER B 144 3.03 19.85 10.46
C SER B 144 4.26 19.13 10.90
N VAL B 145 5.41 19.58 10.45
CA VAL B 145 6.65 18.95 10.82
C VAL B 145 7.57 19.86 11.64
N ALA B 146 8.10 19.31 12.72
CA ALA B 146 9.07 20.06 13.52
C ALA B 146 10.42 19.84 12.85
N ALA B 147 11.35 19.21 13.57
CA ALA B 147 12.64 18.88 12.97
C ALA B 147 12.54 17.47 12.41
N LEU B 148 12.53 17.32 11.09
CA LEU B 148 12.42 15.97 10.50
C LEU B 148 13.28 14.96 11.24
N PRO B 149 12.76 13.73 11.45
CA PRO B 149 11.46 13.25 11.02
C PRO B 149 10.31 13.41 12.03
N VAL B 150 10.41 14.40 12.92
CA VAL B 150 9.35 14.64 13.92
C VAL B 150 8.08 15.24 13.33
N CYS B 151 6.94 14.56 13.48
CA CYS B 151 5.66 15.04 12.94
C CYS B 151 4.58 15.20 13.98
N LYS B 152 3.85 16.31 13.89
CA LYS B 152 2.75 16.58 14.81
C LYS B 152 1.40 16.56 14.13
N PHE B 153 0.52 15.69 14.57
CA PHE B 153 -0.82 15.65 14.01
C PHE B 153 -1.78 16.40 14.89
N GLN B 154 -2.43 17.42 14.33
CA GLN B 154 -3.38 18.20 15.13
C GLN B 154 -4.82 17.83 14.92
N VAL B 155 -5.42 17.27 15.96
CA VAL B 155 -6.83 16.88 15.93
C VAL B 155 -7.73 17.92 16.61
N VAL B 156 -8.67 18.47 15.85
CA VAL B 156 -9.59 19.47 16.40
C VAL B 156 -11.05 18.98 16.40
N ILE B 157 -11.57 18.71 17.58
CA ILE B 157 -12.97 18.28 17.70
C ILE B 157 -13.87 19.46 18.01
N PRO B 158 -14.60 19.96 16.99
CA PRO B 158 -15.51 21.10 17.19
C PRO B 158 -16.54 20.92 18.29
N LYS B 159 -16.79 22.01 19.01
CA LYS B 159 -17.77 22.07 20.13
C LYS B 159 -18.04 23.49 20.60
N SER B 160 -18.81 23.65 21.56
C1 PLM C . 17.28 -14.47 -8.97
O2 PLM C . 18.01 -13.71 -9.90
C2 PLM C . 16.57 -13.76 -7.82
C3 PLM C . 15.47 -12.83 -8.32
C4 PLM C . 14.47 -12.49 -7.23
C5 PLM C . 13.37 -11.58 -7.74
C6 PLM C . 12.37 -11.23 -6.66
C7 PLM C . 11.28 -10.31 -7.17
C8 PLM C . 10.27 -9.95 -6.10
C9 PLM C . 8.85 -10.35 -6.51
CA PLM C . 7.78 -9.49 -5.84
CB PLM C . 6.60 -10.32 -5.34
CC PLM C . 6.06 -9.80 -4.03
CD PLM C . 4.63 -9.33 -4.16
CE PLM C . 4.46 -7.87 -3.77
CF PLM C . 3.12 -7.31 -4.20
CG PLM C . 3.17 -5.81 -4.42
#